data_1LNG
#
_entry.id   1LNG
#
_cell.length_a   42.521
_cell.length_b   61.405
_cell.length_c   155.978
_cell.angle_alpha   90.00
_cell.angle_beta   90.00
_cell.angle_gamma   90.00
#
_symmetry.space_group_name_H-M   'P 21 21 21'
#
loop_
_entity.id
_entity.type
_entity.pdbx_description
1 polymer '7S.S SRP RNA'
2 polymer 'Signal recognition particle 19 kDa protein'
3 non-polymer 'MAGNESIUM ION'
4 water water
#
loop_
_entity_poly.entity_id
_entity_poly.type
_entity_poly.pdbx_seq_one_letter_code
_entity_poly.pdbx_strand_id
1 'polyribonucleotide'
;UCGGCGGUGGGGGAGCAUCUCCUGUAGGGGAGAUGUAACCCCCUUUACCUGCCGAACCCCGCCAGGCCCGGAAGGGAGCA
ACGGUAGGCAGGACGUC
;
B
2 'polypeptide(L)'
;MIIWPSYIDKKKSRREGRKVPEELAIEKPSLKDIEKALKKLGLEPKIYRDKRYPRQHWEICGCVEVDYKGNKLQLLKEIC
KIIKGKN
;
A
#
# COMPACT_ATOMS: atom_id res chain seq x y z
N MET B 1 -0.33 0.29 12.12
CA MET B 1 -0.68 1.16 10.96
C MET B 1 -1.30 0.31 9.85
N ILE B 2 -2.25 0.90 9.13
CA ILE B 2 -2.83 0.15 8.05
C ILE B 2 -2.44 0.68 6.71
N ILE B 3 -2.21 -0.24 5.79
CA ILE B 3 -1.94 0.15 4.44
C ILE B 3 -3.00 -0.44 3.57
N TRP B 4 -3.76 0.45 2.97
CA TRP B 4 -4.74 0.03 2.02
C TRP B 4 -4.10 0.14 0.65
N PRO B 5 -4.34 -0.87 -0.19
CA PRO B 5 -3.82 -0.91 -1.56
C PRO B 5 -4.23 0.32 -2.35
N SER B 6 -5.46 0.80 -2.16
CA SER B 6 -5.90 2.02 -2.82
C SER B 6 -4.92 3.22 -2.62
N TYR B 7 -4.15 3.22 -1.52
CA TYR B 7 -3.24 4.33 -1.23
C TYR B 7 -2.24 4.52 -2.36
N ILE B 8 -1.86 3.42 -3.01
CA ILE B 8 -0.81 3.45 -4.02
C ILE B 8 -1.28 2.96 -5.40
N ASP B 9 -2.57 2.71 -5.51
CA ASP B 9 -3.15 2.36 -6.77
C ASP B 9 -3.19 3.50 -7.80
N LYS B 10 -2.36 3.36 -8.83
CA LYS B 10 -2.30 4.25 -9.96
C LYS B 10 -3.65 4.39 -10.67
N LYS B 11 -4.48 3.37 -10.64
CA LYS B 11 -5.80 3.50 -11.28
C LYS B 11 -6.72 4.44 -10.51
N LYS B 12 -6.45 4.65 -9.24
CA LYS B 12 -7.37 5.47 -8.47
C LYS B 12 -6.96 6.93 -8.41
N SER B 13 -7.94 7.80 -8.35
CA SER B 13 -7.62 9.19 -8.18
C SER B 13 -7.44 9.45 -6.69
N ARG B 14 -7.03 10.66 -6.35
CA ARG B 14 -6.90 10.98 -4.93
C ARG B 14 -8.22 10.87 -4.17
N ARG B 15 -9.28 11.47 -4.68
CA ARG B 15 -10.57 11.34 -4.00
C ARG B 15 -10.91 9.87 -3.64
N GLU B 16 -10.55 8.92 -4.52
CA GLU B 16 -10.79 7.51 -4.27
C GLU B 16 -9.77 6.87 -3.35
N GLY B 17 -8.87 7.64 -2.76
CA GLY B 17 -7.95 7.07 -1.81
C GLY B 17 -6.47 7.08 -2.13
N ARG B 18 -6.10 7.44 -3.35
CA ARG B 18 -4.66 7.44 -3.64
C ARG B 18 -3.97 8.56 -2.85
N LYS B 19 -2.86 8.20 -2.22
CA LYS B 19 -2.14 9.10 -1.34
C LYS B 19 -0.75 9.36 -1.96
N VAL B 20 -0.45 8.71 -3.07
CA VAL B 20 0.87 8.75 -3.66
C VAL B 20 0.77 9.41 -5.03
N PRO B 21 1.74 10.24 -5.41
CA PRO B 21 1.65 10.96 -6.67
C PRO B 21 1.74 9.94 -7.83
N GLU B 22 1.34 10.34 -9.02
CA GLU B 22 1.26 9.39 -10.12
C GLU B 22 2.55 8.65 -10.47
N GLU B 23 3.65 9.36 -10.54
CA GLU B 23 4.89 8.68 -10.92
C GLU B 23 5.46 7.62 -9.96
N LEU B 24 4.89 7.48 -8.76
CA LEU B 24 5.35 6.44 -7.81
C LEU B 24 4.30 5.37 -7.69
N ALA B 25 3.06 5.72 -8.04
CA ALA B 25 1.97 4.80 -7.87
C ALA B 25 2.13 3.53 -8.70
N ILE B 26 1.58 2.45 -8.15
CA ILE B 26 1.60 1.14 -8.77
C ILE B 26 0.21 0.76 -9.27
N GLU B 27 0.11 0.34 -10.52
CA GLU B 27 -1.17 -0.08 -11.10
C GLU B 27 -1.60 -1.42 -10.50
N LYS B 28 -2.81 -1.49 -9.96
CA LYS B 28 -3.33 -2.70 -9.29
C LYS B 28 -2.25 -3.36 -8.44
N PRO B 29 -1.90 -2.72 -7.34
CA PRO B 29 -0.80 -3.21 -6.49
C PRO B 29 -1.12 -4.47 -5.70
N SER B 30 -0.12 -5.32 -5.51
CA SER B 30 -0.42 -6.55 -4.80
C SER B 30 0.03 -6.53 -3.34
N LEU B 31 -0.78 -7.08 -2.47
CA LEU B 31 -0.42 -7.15 -1.06
C LEU B 31 0.88 -7.95 -0.90
N LYS B 32 1.08 -8.94 -1.77
CA LYS B 32 2.30 -9.74 -1.80
C LYS B 32 3.53 -8.84 -2.05
N ASP B 33 3.44 -7.91 -2.98
CA ASP B 33 4.50 -6.92 -3.18
C ASP B 33 4.55 -5.98 -1.96
N ILE B 34 3.40 -5.54 -1.46
CA ILE B 34 3.46 -4.57 -0.37
C ILE B 34 4.16 -5.16 0.84
N GLU B 35 3.81 -6.40 1.16
CA GLU B 35 4.42 -7.15 2.26
C GLU B 35 5.93 -7.36 2.02
N LYS B 36 6.33 -7.75 0.82
CA LYS B 36 7.74 -7.97 0.55
C LYS B 36 8.55 -6.69 0.77
N ALA B 37 8.04 -5.58 0.27
CA ALA B 37 8.70 -4.30 0.45
C ALA B 37 8.86 -3.91 1.92
N LEU B 38 7.83 -4.15 2.72
CA LEU B 38 7.86 -3.77 4.13
C LEU B 38 8.88 -4.59 4.91
N LYS B 39 9.06 -5.84 4.50
CA LYS B 39 9.98 -6.72 5.19
C LYS B 39 11.38 -6.26 4.85
N LYS B 40 11.59 -5.86 3.59
CA LYS B 40 12.89 -5.34 3.21
C LYS B 40 13.25 -4.14 4.09
N LEU B 41 12.24 -3.46 4.60
CA LEU B 41 12.45 -2.28 5.45
C LEU B 41 12.59 -2.59 6.93
N GLY B 42 12.61 -3.87 7.28
CA GLY B 42 12.81 -4.26 8.67
C GLY B 42 11.55 -4.41 9.51
N LEU B 43 10.40 -4.24 8.88
CA LEU B 43 9.12 -4.26 9.59
C LEU B 43 8.44 -5.65 9.61
N GLU B 44 7.38 -5.81 10.40
CA GLU B 44 6.68 -7.10 10.44
C GLU B 44 5.25 -6.97 9.92
N PRO B 45 5.08 -7.04 8.61
CA PRO B 45 3.77 -6.83 7.99
C PRO B 45 2.91 -8.02 8.26
N LYS B 46 1.60 -7.83 8.24
CA LYS B 46 0.65 -8.91 8.39
C LYS B 46 -0.51 -8.64 7.43
N ILE B 47 -0.77 -9.60 6.55
CA ILE B 47 -1.77 -9.39 5.52
C ILE B 47 -3.12 -9.78 6.06
N TYR B 48 -4.13 -9.02 5.70
CA TYR B 48 -5.49 -9.40 6.04
C TYR B 48 -6.26 -9.32 4.76
N ARG B 49 -6.52 -10.45 4.13
CA ARG B 49 -7.19 -10.48 2.82
C ARG B 49 -8.70 -10.23 2.85
N ASP B 50 -9.29 -10.40 4.00
CA ASP B 50 -10.71 -10.27 4.20
C ASP B 50 -11.23 -8.79 4.18
N LYS B 51 -10.38 -7.84 4.51
CA LYS B 51 -10.80 -6.44 4.66
C LYS B 51 -11.15 -5.66 3.40
N ARG B 52 -12.14 -4.79 3.51
CA ARG B 52 -12.51 -3.93 2.39
C ARG B 52 -12.46 -2.43 2.80
N TYR B 53 -11.99 -1.61 1.87
CA TYR B 53 -11.82 -0.17 2.06
C TYR B 53 -13.14 0.49 1.74
N PRO B 54 -13.65 1.24 2.70
CA PRO B 54 -14.98 1.82 2.63
C PRO B 54 -15.22 2.62 1.39
N ARG B 55 -14.17 3.28 0.91
CA ARG B 55 -14.34 4.05 -0.31
C ARG B 55 -14.68 3.12 -1.49
N GLN B 56 -14.32 1.84 -1.39
CA GLN B 56 -14.71 0.81 -2.40
C GLN B 56 -15.21 -0.42 -1.62
N HIS B 57 -16.26 -0.27 -0.83
CA HIS B 57 -16.74 -1.36 0.02
C HIS B 57 -17.11 -2.67 -0.72
N TRP B 58 -17.44 -2.60 -2.02
CA TRP B 58 -17.76 -3.82 -2.79
C TRP B 58 -16.49 -4.60 -3.20
N GLU B 59 -15.33 -3.93 -3.22
CA GLU B 59 -14.08 -4.55 -3.70
C GLU B 59 -13.21 -5.19 -2.59
N ILE B 60 -13.20 -6.52 -2.51
CA ILE B 60 -12.43 -7.24 -1.45
C ILE B 60 -10.90 -7.18 -1.65
N CYS B 61 -10.33 -6.00 -1.39
CA CYS B 61 -8.92 -5.73 -1.67
C CYS B 61 -7.95 -6.23 -0.62
N GLY B 62 -8.42 -6.34 0.62
CA GLY B 62 -7.59 -6.68 1.75
C GLY B 62 -6.77 -5.47 2.20
N CYS B 63 -5.91 -5.65 3.20
CA CYS B 63 -5.00 -4.61 3.65
C CYS B 63 -3.80 -5.23 4.40
N VAL B 64 -2.79 -4.38 4.66
CA VAL B 64 -1.61 -4.74 5.42
C VAL B 64 -1.48 -3.92 6.71
N GLU B 65 -1.31 -4.60 7.85
CA GLU B 65 -1.13 -3.99 9.15
C GLU B 65 0.33 -4.19 9.52
N VAL B 66 1.00 -3.12 9.93
CA VAL B 66 2.39 -3.14 10.39
C VAL B 66 2.52 -2.10 11.48
N ASP B 67 3.23 -2.44 12.54
CA ASP B 67 3.46 -1.47 13.59
C ASP B 67 4.54 -0.54 13.09
N TYR B 68 4.19 0.73 12.91
CA TYR B 68 5.15 1.67 12.44
C TYR B 68 5.01 2.98 13.20
N LYS B 69 6.13 3.62 13.55
CA LYS B 69 6.04 4.83 14.38
C LYS B 69 6.57 6.04 13.65
N GLY B 70 6.87 5.89 12.38
CA GLY B 70 7.39 6.99 11.60
C GLY B 70 6.29 7.64 10.79
N ASN B 71 6.68 8.50 9.88
CA ASN B 71 5.75 9.21 9.01
C ASN B 71 5.06 8.22 8.06
N LYS B 72 3.73 8.24 8.04
CA LYS B 72 2.98 7.29 7.21
C LYS B 72 3.13 7.51 5.70
N LEU B 73 2.88 8.73 5.26
CA LEU B 73 2.98 9.06 3.85
C LEU B 73 4.36 8.71 3.34
N GLN B 74 5.36 9.06 4.10
CA GLN B 74 6.74 8.80 3.71
C GLN B 74 7.04 7.30 3.63
N LEU B 75 6.44 6.49 4.50
CA LEU B 75 6.64 5.06 4.35
C LEU B 75 5.99 4.62 3.02
N LEU B 76 4.85 5.20 2.68
CA LEU B 76 4.15 4.79 1.45
C LEU B 76 5.00 5.17 0.26
N LYS B 77 5.68 6.31 0.35
CA LYS B 77 6.52 6.68 -0.77
C LYS B 77 7.67 5.69 -0.91
N GLU B 78 8.20 5.22 0.23
CA GLU B 78 9.34 4.31 0.22
C GLU B 78 8.96 2.95 -0.31
N ILE B 79 7.81 2.43 0.16
CA ILE B 79 7.24 1.19 -0.33
C ILE B 79 7.16 1.22 -1.85
N CYS B 80 6.61 2.30 -2.39
CA CYS B 80 6.46 2.40 -3.84
C CYS B 80 7.79 2.34 -4.60
N LYS B 81 8.76 3.12 -4.12
CA LYS B 81 10.11 3.14 -4.71
C LYS B 81 10.77 1.75 -4.64
N ILE B 82 10.62 1.05 -3.52
CA ILE B 82 11.11 -0.33 -3.46
C ILE B 82 10.43 -1.19 -4.52
N ILE B 83 9.10 -1.24 -4.53
CA ILE B 83 8.39 -2.04 -5.52
C ILE B 83 8.78 -1.74 -6.97
N LYS B 84 8.78 -0.49 -7.37
CA LYS B 84 9.19 -0.15 -8.72
C LYS B 84 10.69 -0.38 -8.92
N GLY B 85 11.40 -0.86 -7.91
CA GLY B 85 12.85 -0.97 -7.98
C GLY B 85 13.48 -2.35 -7.91
N LYS B 86 12.66 -3.39 -7.95
CA LYS B 86 13.15 -4.77 -7.99
C LYS B 86 13.87 -4.95 -9.33
N ASN B 87 15.15 -5.27 -9.26
CA ASN B 87 15.99 -5.40 -10.45
C ASN B 87 15.33 -6.21 -11.58
#